data_2EVM
#
_entry.id   2EVM
#
_cell.length_a   37.800
_cell.length_b   60.200
_cell.length_c   50.400
_cell.angle_alpha   90.00
_cell.angle_beta   104.50
_cell.angle_gamma   90.00
#
_symmetry.space_group_name_H-M   'P 1 21 1'
#
loop_
_entity.id
_entity.type
_entity.pdbx_description
1 polymer 'Methionine aminopeptidase'
2 non-polymer 'MANGANESE (II) ION'
3 non-polymer 'SODIUM ION'
4 non-polymer '5-(2,5-DICHLOROPHENYL)-2-FUROIC ACID'
5 water water
#
_entity_poly.entity_id   1
_entity_poly.type   'polypeptide(L)'
_entity_poly.pdbx_seq_one_letter_code
;MAISIKTPEDIEKMRVAGRLAAEVLEMIEPYVKPGVSTGELDRICNDYIVNEQHAVSACLGYHGYPKSVCISINEVVCHG
IPDDAKLLKDGDIVNIDVTVIKDGFHGDTSKMFIVGKPTIMGERLCRITQESLYLALRMVKPGINLREIGAAIQKFVEAE
GFSVVREYCGHGIGRGFHEEPQVLHYDSRETNVVLKPGMTFTIEPMVNAGKKEIRTMKDGWTVKTKDRSLSAQYEHTIVV
TDNGCEILTLRKDDTIPAIISHDE
;
_entity_poly.pdbx_strand_id   A
#
# COMPACT_ATOMS: atom_id res chain seq x y z
N SER A 4 6.70 -8.65 17.32
CA SER A 4 5.76 -9.40 18.22
C SER A 4 4.90 -10.36 17.41
N ILE A 5 4.47 -11.44 18.07
CA ILE A 5 3.64 -12.44 17.42
C ILE A 5 2.20 -12.23 17.88
N LYS A 6 1.35 -11.76 16.98
CA LYS A 6 -0.05 -11.52 17.31
C LYS A 6 -0.74 -12.77 17.83
N THR A 7 -1.60 -12.59 18.83
CA THR A 7 -2.36 -13.69 19.41
C THR A 7 -3.59 -13.90 18.54
N PRO A 8 -4.27 -15.04 18.70
CA PRO A 8 -5.47 -15.31 17.90
C PRO A 8 -6.49 -14.17 18.02
N GLU A 9 -6.58 -13.61 19.23
CA GLU A 9 -7.50 -12.51 19.50
C GLU A 9 -7.07 -11.26 18.75
N ASP A 10 -5.77 -10.98 18.76
CA ASP A 10 -5.25 -9.81 18.06
C ASP A 10 -5.43 -9.99 16.55
N ILE A 11 -5.16 -11.19 16.06
CA ILE A 11 -5.30 -11.48 14.63
C ILE A 11 -6.72 -11.26 14.16
N GLU A 12 -7.70 -11.65 14.97
CA GLU A 12 -9.09 -11.45 14.57
C GLU A 12 -9.37 -9.96 14.45
N LYS A 13 -8.84 -9.20 15.40
CA LYS A 13 -9.02 -7.75 15.36
C LYS A 13 -8.34 -7.18 14.12
N MET A 14 -7.22 -7.76 13.72
CA MET A 14 -6.53 -7.31 12.52
C MET A 14 -7.35 -7.65 11.28
N ARG A 15 -8.08 -8.76 11.33
CA ARG A 15 -8.91 -9.16 10.20
C ARG A 15 -10.00 -8.11 9.99
N VAL A 16 -10.59 -7.66 11.10
CA VAL A 16 -11.65 -6.67 11.03
C VAL A 16 -11.10 -5.33 10.54
N ALA A 17 -9.97 -4.92 11.09
CA ALA A 17 -9.35 -3.66 10.70
C ALA A 17 -8.92 -3.72 9.23
N GLY A 18 -8.35 -4.84 8.82
CA GLY A 18 -7.92 -4.99 7.44
C GLY A 18 -9.10 -4.97 6.48
N ARG A 19 -10.18 -5.64 6.87
CA ARG A 19 -11.36 -5.66 6.02
C ARG A 19 -11.89 -4.24 5.82
N LEU A 20 -11.95 -3.47 6.91
CA LEU A 20 -12.44 -2.10 6.81
C LEU A 20 -11.56 -1.29 5.87
N ALA A 21 -10.25 -1.44 6.00
CA ALA A 21 -9.34 -0.70 5.13
C ALA A 21 -9.60 -1.07 3.67
N ALA A 22 -9.69 -2.37 3.40
CA ALA A 22 -9.94 -2.83 2.04
C ALA A 22 -11.27 -2.29 1.51
N GLU A 23 -12.29 -2.32 2.36
CA GLU A 23 -13.61 -1.84 1.93
C GLU A 23 -13.66 -0.36 1.64
N VAL A 24 -12.73 0.42 2.19
CA VAL A 24 -12.70 1.85 1.89
C VAL A 24 -12.30 1.96 0.43
N LEU A 25 -11.33 1.15 0.02
CA LEU A 25 -10.85 1.17 -1.35
C LEU A 25 -11.93 0.68 -2.31
N GLU A 26 -12.74 -0.28 -1.86
CA GLU A 26 -13.80 -0.80 -2.70
C GLU A 26 -14.91 0.25 -2.83
N MET A 27 -15.19 0.93 -1.72
CA MET A 27 -16.23 1.95 -1.67
C MET A 27 -15.93 3.19 -2.53
N ILE A 28 -14.68 3.60 -2.54
CA ILE A 28 -14.28 4.81 -3.25
C ILE A 28 -14.14 4.65 -4.76
N GLU A 29 -13.92 3.42 -5.20
CA GLU A 29 -13.71 3.13 -6.62
C GLU A 29 -14.60 3.85 -7.63
N PRO A 30 -15.92 3.87 -7.41
CA PRO A 30 -16.84 4.55 -8.35
C PRO A 30 -16.63 6.05 -8.44
N TYR A 31 -16.06 6.65 -7.40
CA TYR A 31 -15.83 8.07 -7.36
C TYR A 31 -14.53 8.46 -8.06
N VAL A 32 -13.67 7.47 -8.30
CA VAL A 32 -12.39 7.75 -8.95
C VAL A 32 -12.58 7.83 -10.46
N LYS A 33 -13.00 9.00 -10.91
CA LYS A 33 -13.23 9.25 -12.32
C LYS A 33 -12.75 10.65 -12.69
N PRO A 34 -12.64 10.94 -14.00
CA PRO A 34 -12.19 12.26 -14.44
C PRO A 34 -13.06 13.37 -13.88
N GLY A 35 -12.42 14.44 -13.39
CA GLY A 35 -13.16 15.57 -12.86
C GLY A 35 -13.25 15.68 -11.35
N VAL A 36 -13.12 14.55 -10.66
CA VAL A 36 -13.20 14.57 -9.20
C VAL A 36 -11.90 15.08 -8.60
N SER A 37 -12.00 15.79 -7.48
CA SER A 37 -10.81 16.32 -6.81
C SER A 37 -10.33 15.29 -5.78
N THR A 38 -9.03 15.27 -5.52
CA THR A 38 -8.51 14.33 -4.53
C THR A 38 -9.05 14.73 -3.16
N GLY A 39 -9.33 16.01 -2.99
CA GLY A 39 -9.87 16.50 -1.73
C GLY A 39 -11.22 15.86 -1.42
N GLU A 40 -12.11 15.85 -2.40
CA GLU A 40 -13.42 15.27 -2.18
C GLU A 40 -13.30 13.76 -1.93
N LEU A 41 -12.39 13.11 -2.64
CA LEU A 41 -12.18 11.68 -2.45
C LEU A 41 -11.83 11.42 -1.00
N ASP A 42 -10.93 12.24 -0.46
CA ASP A 42 -10.52 12.13 0.94
C ASP A 42 -11.71 12.33 1.88
N ARG A 43 -12.56 13.31 1.57
CA ARG A 43 -13.74 13.60 2.40
C ARG A 43 -14.67 12.40 2.42
N ILE A 44 -14.90 11.84 1.23
CA ILE A 44 -15.76 10.69 1.09
C ILE A 44 -15.19 9.52 1.90
N CYS A 45 -13.89 9.32 1.81
CA CYS A 45 -13.25 8.25 2.56
C CYS A 45 -13.38 8.44 4.06
N ASN A 46 -13.10 9.66 4.53
CA ASN A 46 -13.19 9.91 5.96
C ASN A 46 -14.61 9.72 6.50
N ASP A 47 -15.60 10.27 5.79
CA ASP A 47 -16.98 10.13 6.25
C ASP A 47 -17.34 8.65 6.36
N TYR A 48 -16.90 7.85 5.38
CA TYR A 48 -17.19 6.43 5.37
C TYR A 48 -16.56 5.73 6.57
N ILE A 49 -15.28 5.99 6.78
CA ILE A 49 -14.55 5.39 7.87
C ILE A 49 -15.17 5.74 9.22
N VAL A 50 -15.43 7.02 9.44
CA VAL A 50 -16.00 7.47 10.71
C VAL A 50 -17.47 7.08 10.90
N ASN A 51 -18.31 7.50 9.96
CA ASN A 51 -19.74 7.27 10.06
C ASN A 51 -20.29 5.88 9.73
N GLU A 52 -19.66 5.18 8.80
CA GLU A 52 -20.14 3.85 8.44
C GLU A 52 -19.37 2.72 9.11
N GLN A 53 -18.06 2.83 9.11
CA GLN A 53 -17.22 1.80 9.70
C GLN A 53 -17.03 2.01 11.19
N HIS A 54 -17.34 3.20 11.67
CA HIS A 54 -17.18 3.52 13.07
C HIS A 54 -15.73 3.23 13.44
N ALA A 55 -14.85 3.69 12.57
CA ALA A 55 -13.41 3.52 12.74
C ALA A 55 -12.79 4.90 12.64
N VAL A 56 -11.48 4.96 12.53
CA VAL A 56 -10.78 6.23 12.42
C VAL A 56 -9.58 6.06 11.50
N SER A 57 -9.27 7.10 10.72
CA SER A 57 -8.12 7.05 9.84
C SER A 57 -6.90 7.18 10.73
N ALA A 58 -5.89 6.34 10.51
CA ALA A 58 -4.70 6.38 11.31
C ALA A 58 -3.72 7.40 10.76
N CYS A 59 -3.92 7.80 9.51
CA CYS A 59 -3.05 8.76 8.85
C CYS A 59 -3.26 10.19 9.31
N LEU A 60 -4.51 10.53 9.55
CA LEU A 60 -4.86 11.88 9.97
C LEU A 60 -4.11 12.27 11.24
N GLY A 61 -3.14 13.15 11.09
CA GLY A 61 -2.35 13.62 12.23
C GLY A 61 -1.05 12.86 12.46
N TYR A 62 -0.91 11.71 11.81
CA TYR A 62 0.29 10.90 11.97
C TYR A 62 1.52 11.65 11.48
N HIS A 63 2.45 11.92 12.39
CA HIS A 63 3.66 12.66 12.06
C HIS A 63 3.24 14.00 11.48
N GLY A 64 2.02 14.41 11.80
CA GLY A 64 1.51 15.68 11.32
C GLY A 64 0.79 15.64 9.98
N TYR A 65 0.52 14.44 9.46
CA TYR A 65 -0.17 14.33 8.17
C TYR A 65 -1.55 14.99 8.27
N PRO A 66 -1.84 15.96 7.39
CA PRO A 66 -3.08 16.73 7.31
C PRO A 66 -4.40 16.07 6.85
N LYS A 67 -4.31 14.95 6.15
CA LYS A 67 -5.53 14.33 5.64
C LYS A 67 -5.79 12.90 6.13
N SER A 68 -6.95 12.37 5.75
CA SER A 68 -7.34 11.04 6.18
C SER A 68 -6.78 9.91 5.35
N VAL A 69 -6.58 10.16 4.06
CA VAL A 69 -6.01 9.15 3.18
C VAL A 69 -4.93 9.84 2.37
N CYS A 70 -4.02 9.06 1.81
CA CYS A 70 -2.96 9.62 0.96
C CYS A 70 -3.38 9.34 -0.47
N ILE A 71 -3.34 10.37 -1.32
CA ILE A 71 -3.70 10.17 -2.71
C ILE A 71 -2.58 10.72 -3.56
N SER A 72 -1.94 9.82 -4.31
CA SER A 72 -0.81 10.15 -5.15
C SER A 72 -1.09 9.89 -6.62
N ILE A 73 -0.85 10.91 -7.44
CA ILE A 73 -1.12 10.80 -8.87
C ILE A 73 0.14 10.82 -9.73
N ASN A 74 0.17 9.91 -10.70
CA ASN A 74 1.27 9.82 -11.66
C ASN A 74 2.68 9.85 -11.09
N GLU A 75 3.42 10.93 -11.32
CA GLU A 75 4.80 11.03 -10.86
C GLU A 75 4.93 11.15 -9.35
N VAL A 76 3.82 11.40 -8.67
CA VAL A 76 3.87 11.49 -7.21
C VAL A 76 4.03 10.05 -6.73
N VAL A 77 5.09 9.82 -5.96
CA VAL A 77 5.39 8.49 -5.45
C VAL A 77 4.57 8.09 -4.25
N CYS A 78 4.43 9.01 -3.31
CA CYS A 78 3.67 8.73 -2.10
C CYS A 78 3.37 9.99 -1.32
N HIS A 79 2.51 9.83 -0.31
CA HIS A 79 2.11 10.91 0.57
C HIS A 79 1.44 12.09 -0.10
N GLY A 80 0.83 11.86 -1.25
CA GLY A 80 0.12 12.93 -1.93
C GLY A 80 -0.96 13.44 -0.98
N ILE A 81 -1.05 14.75 -0.84
CA ILE A 81 -2.03 15.34 0.06
C ILE A 81 -3.31 15.71 -0.70
N PRO A 82 -4.44 15.10 -0.31
CA PRO A 82 -5.71 15.40 -0.99
C PRO A 82 -5.91 16.91 -1.04
N ASP A 83 -6.42 17.41 -2.16
CA ASP A 83 -6.63 18.84 -2.30
C ASP A 83 -7.85 19.08 -3.18
N ASP A 84 -8.73 19.97 -2.72
CA ASP A 84 -9.95 20.26 -3.47
C ASP A 84 -9.69 20.85 -4.85
N ALA A 85 -8.47 21.33 -5.07
CA ALA A 85 -8.10 21.94 -6.34
C ALA A 85 -7.35 21.02 -7.29
N LYS A 86 -7.16 19.76 -6.90
CA LYS A 86 -6.45 18.81 -7.75
C LYS A 86 -7.43 17.81 -8.33
N LEU A 87 -7.71 17.94 -9.62
CA LEU A 87 -8.67 17.07 -10.28
C LEU A 87 -8.03 15.93 -11.07
N LEU A 88 -8.66 14.76 -11.01
CA LEU A 88 -8.18 13.61 -11.75
C LEU A 88 -8.50 13.86 -13.21
N LYS A 89 -7.61 13.41 -14.10
CA LYS A 89 -7.84 13.58 -15.52
C LYS A 89 -7.61 12.28 -16.27
N ASP A 90 -8.17 12.20 -17.47
CA ASP A 90 -8.05 11.03 -18.31
C ASP A 90 -6.59 10.61 -18.42
N GLY A 91 -6.33 9.31 -18.22
CA GLY A 91 -4.97 8.82 -18.31
C GLY A 91 -4.21 8.70 -17.01
N ASP A 92 -4.61 9.47 -16.00
CA ASP A 92 -3.92 9.42 -14.70
C ASP A 92 -3.96 8.05 -14.05
N ILE A 93 -2.92 7.76 -13.27
CA ILE A 93 -2.87 6.53 -12.49
C ILE A 93 -2.86 7.15 -11.08
N VAL A 94 -3.70 6.63 -10.21
CA VAL A 94 -3.82 7.20 -8.88
C VAL A 94 -3.79 6.17 -7.78
N ASN A 95 -2.96 6.43 -6.77
CA ASN A 95 -2.91 5.53 -5.64
C ASN A 95 -3.66 6.18 -4.49
N ILE A 96 -4.52 5.40 -3.84
CA ILE A 96 -5.23 5.87 -2.68
C ILE A 96 -4.78 4.87 -1.63
N ASP A 97 -4.14 5.39 -0.58
CA ASP A 97 -3.61 4.58 0.49
C ASP A 97 -4.41 4.84 1.75
N VAL A 98 -4.97 3.78 2.30
CA VAL A 98 -5.81 3.85 3.48
C VAL A 98 -5.26 3.07 4.67
N THR A 99 -5.46 3.63 5.85
CA THR A 99 -5.09 2.94 7.07
C THR A 99 -6.14 3.34 8.08
N VAL A 100 -6.84 2.35 8.62
CA VAL A 100 -7.87 2.64 9.61
C VAL A 100 -7.51 1.91 10.88
N ILE A 101 -7.95 2.47 12.00
CA ILE A 101 -7.73 1.85 13.29
C ILE A 101 -9.13 1.46 13.74
N LYS A 102 -9.29 0.21 14.15
CA LYS A 102 -10.57 -0.28 14.63
C LYS A 102 -10.27 -1.22 15.79
N ASP A 103 -10.83 -0.88 16.94
CA ASP A 103 -10.65 -1.66 18.16
C ASP A 103 -9.16 -1.81 18.49
N GLY A 104 -8.43 -0.71 18.31
CA GLY A 104 -7.01 -0.68 18.60
C GLY A 104 -6.05 -1.23 17.56
N PHE A 105 -6.57 -1.84 16.50
CA PHE A 105 -5.68 -2.40 15.49
C PHE A 105 -5.76 -1.73 14.13
N HIS A 106 -4.63 -1.73 13.43
CA HIS A 106 -4.51 -1.10 12.12
C HIS A 106 -4.64 -2.03 10.92
N GLY A 107 -5.30 -1.50 9.88
CA GLY A 107 -5.48 -2.19 8.61
C GLY A 107 -4.88 -1.20 7.63
N ASP A 108 -3.89 -1.64 6.87
CA ASP A 108 -3.17 -0.75 5.96
C ASP A 108 -3.14 -1.32 4.53
N THR A 109 -3.66 -0.55 3.57
CA THR A 109 -3.68 -1.06 2.21
C THR A 109 -3.87 0.05 1.21
N SER A 110 -3.35 -0.15 0.00
CA SER A 110 -3.49 0.85 -1.04
C SER A 110 -3.58 0.11 -2.36
N LYS A 111 -4.09 0.80 -3.37
CA LYS A 111 -4.20 0.23 -4.70
C LYS A 111 -4.12 1.37 -5.70
N MET A 112 -3.89 1.01 -6.96
CA MET A 112 -3.83 1.99 -8.03
C MET A 112 -5.14 1.95 -8.79
N PHE A 113 -5.57 3.12 -9.23
CA PHE A 113 -6.79 3.24 -10.03
C PHE A 113 -6.35 3.90 -11.32
N ILE A 114 -6.83 3.39 -12.44
CA ILE A 114 -6.50 3.99 -13.73
C ILE A 114 -7.70 4.87 -14.05
N VAL A 115 -7.46 6.16 -14.32
CA VAL A 115 -8.53 7.10 -14.61
C VAL A 115 -8.77 7.30 -16.10
N GLY A 116 -10.04 7.15 -16.51
CA GLY A 116 -10.39 7.33 -17.91
C GLY A 116 -9.70 6.31 -18.79
N LYS A 117 -9.35 6.72 -20.01
CA LYS A 117 -8.66 5.81 -20.92
C LYS A 117 -7.25 5.55 -20.42
N PRO A 118 -6.93 4.28 -20.17
CA PRO A 118 -5.60 3.91 -19.67
C PRO A 118 -4.52 3.99 -20.76
N THR A 119 -3.30 4.30 -20.33
CA THR A 119 -2.16 4.39 -21.24
C THR A 119 -1.36 3.10 -21.04
N ILE A 120 -0.73 2.62 -22.10
CA ILE A 120 0.05 1.39 -22.03
C ILE A 120 1.07 1.38 -20.89
N MET A 121 1.86 2.45 -20.75
CA MET A 121 2.83 2.50 -19.68
C MET A 121 2.14 2.48 -18.32
N GLY A 122 1.02 3.20 -18.22
CA GLY A 122 0.28 3.22 -16.97
C GLY A 122 -0.22 1.85 -16.57
N GLU A 123 -0.95 1.20 -17.48
CA GLU A 123 -1.48 -0.14 -17.22
C GLU A 123 -0.37 -1.10 -16.86
N ARG A 124 0.75 -1.00 -17.56
CA ARG A 124 1.88 -1.87 -17.32
C ARG A 124 2.55 -1.62 -15.97
N LEU A 125 2.84 -0.35 -15.68
CA LEU A 125 3.47 -0.03 -14.40
C LEU A 125 2.60 -0.51 -13.25
N CYS A 126 1.30 -0.27 -13.34
CA CYS A 126 0.38 -0.68 -12.28
C CYS A 126 0.28 -2.19 -12.16
N ARG A 127 0.13 -2.87 -13.29
CA ARG A 127 0.01 -4.32 -13.29
C ARG A 127 1.28 -4.98 -12.73
N ILE A 128 2.43 -4.50 -13.18
CA ILE A 128 3.71 -5.03 -12.75
C ILE A 128 3.93 -4.76 -11.26
N THR A 129 3.58 -3.57 -10.81
CA THR A 129 3.74 -3.22 -9.42
C THR A 129 2.90 -4.14 -8.56
N GLN A 130 1.65 -4.37 -8.96
CA GLN A 130 0.78 -5.26 -8.20
C GLN A 130 1.35 -6.68 -8.23
N GLU A 131 1.85 -7.09 -9.40
CA GLU A 131 2.42 -8.42 -9.52
C GLU A 131 3.64 -8.59 -8.63
N SER A 132 4.39 -7.51 -8.40
CA SER A 132 5.56 -7.61 -7.53
C SER A 132 5.07 -7.81 -6.10
N LEU A 133 3.91 -7.24 -5.77
CA LEU A 133 3.34 -7.42 -4.43
C LEU A 133 2.87 -8.87 -4.33
N TYR A 134 2.19 -9.31 -5.38
CA TYR A 134 1.66 -10.66 -5.45
C TYR A 134 2.74 -11.73 -5.34
N LEU A 135 3.83 -11.58 -6.07
CA LEU A 135 4.89 -12.58 -6.02
C LEU A 135 5.50 -12.59 -4.62
N ALA A 136 5.57 -11.42 -3.97
CA ALA A 136 6.13 -11.34 -2.64
C ALA A 136 5.20 -12.07 -1.69
N LEU A 137 3.91 -11.85 -1.85
CA LEU A 137 2.92 -12.51 -1.00
C LEU A 137 2.99 -14.02 -1.14
N ARG A 138 3.19 -14.50 -2.36
CA ARG A 138 3.27 -15.93 -2.61
C ARG A 138 4.51 -16.57 -1.98
N MET A 139 5.47 -15.75 -1.57
CA MET A 139 6.70 -16.26 -0.95
C MET A 139 6.63 -16.32 0.57
N VAL A 140 5.69 -15.57 1.16
CA VAL A 140 5.55 -15.50 2.60
C VAL A 140 5.16 -16.80 3.31
N LYS A 141 6.02 -17.23 4.22
CA LYS A 141 5.80 -18.42 5.02
C LYS A 141 6.91 -18.52 6.07
N PRO A 142 6.64 -19.20 7.19
CA PRO A 142 7.64 -19.34 8.26
C PRO A 142 8.99 -19.83 7.73
N GLY A 143 10.07 -19.32 8.31
CA GLY A 143 11.40 -19.76 7.90
C GLY A 143 12.06 -18.95 6.79
N ILE A 144 11.24 -18.27 5.99
CA ILE A 144 11.77 -17.46 4.90
C ILE A 144 12.30 -16.15 5.48
N ASN A 145 13.36 -15.61 4.88
CA ASN A 145 13.91 -14.35 5.35
C ASN A 145 13.34 -13.21 4.52
N LEU A 146 13.02 -12.09 5.16
CA LEU A 146 12.48 -10.95 4.44
C LEU A 146 13.43 -10.49 3.35
N ARG A 147 14.72 -10.72 3.54
CA ARG A 147 15.69 -10.30 2.54
C ARG A 147 15.41 -10.96 1.21
N GLU A 148 15.00 -12.22 1.26
CA GLU A 148 14.68 -12.98 0.06
C GLU A 148 13.51 -12.36 -0.68
N ILE A 149 12.49 -11.94 0.07
CA ILE A 149 11.30 -11.35 -0.51
C ILE A 149 11.61 -10.00 -1.16
N GLY A 150 12.36 -9.16 -0.47
CA GLY A 150 12.74 -7.87 -1.02
C GLY A 150 13.58 -8.08 -2.27
N ALA A 151 14.47 -9.08 -2.22
CA ALA A 151 15.32 -9.39 -3.36
C ALA A 151 14.48 -9.79 -4.57
N ALA A 152 13.46 -10.60 -4.33
CA ALA A 152 12.58 -11.07 -5.40
C ALA A 152 11.77 -9.94 -6.02
N ILE A 153 11.26 -9.04 -5.18
CA ILE A 153 10.49 -7.92 -5.69
C ILE A 153 11.34 -7.09 -6.63
N GLN A 154 12.53 -6.72 -6.15
CA GLN A 154 13.45 -5.91 -6.92
C GLN A 154 13.84 -6.57 -8.23
N LYS A 155 14.16 -7.85 -8.19
CA LYS A 155 14.55 -8.57 -9.40
C LYS A 155 13.45 -8.50 -10.45
N PHE A 156 12.22 -8.74 -10.02
CA PHE A 156 11.08 -8.72 -10.94
C PHE A 156 10.87 -7.32 -11.52
N VAL A 157 10.84 -6.33 -10.65
CA VAL A 157 10.64 -4.95 -11.07
C VAL A 157 11.70 -4.43 -12.02
N GLU A 158 12.97 -4.67 -11.70
CA GLU A 158 14.06 -4.19 -12.55
C GLU A 158 14.10 -4.92 -13.88
N ALA A 159 13.57 -6.13 -13.92
CA ALA A 159 13.53 -6.91 -15.16
C ALA A 159 12.62 -6.19 -16.14
N GLU A 160 11.67 -5.43 -15.61
CA GLU A 160 10.72 -4.67 -16.41
C GLU A 160 11.31 -3.32 -16.79
N GLY A 161 12.54 -3.06 -16.36
CA GLY A 161 13.15 -1.79 -16.67
C GLY A 161 12.68 -0.71 -15.72
N PHE A 162 11.99 -1.13 -14.65
CA PHE A 162 11.50 -0.20 -13.62
C PHE A 162 12.47 -0.22 -12.44
N SER A 163 12.20 0.61 -11.45
CA SER A 163 13.07 0.69 -10.28
C SER A 163 12.24 0.69 -9.01
N VAL A 164 12.88 0.28 -7.92
CA VAL A 164 12.22 0.21 -6.63
C VAL A 164 12.66 1.40 -5.77
N VAL A 165 11.69 2.11 -5.19
CA VAL A 165 12.00 3.25 -4.35
C VAL A 165 12.59 2.70 -3.06
N ARG A 166 13.74 3.26 -2.67
CA ARG A 166 14.43 2.79 -1.49
C ARG A 166 14.09 3.49 -0.19
N GLU A 167 13.66 4.75 -0.27
CA GLU A 167 13.35 5.53 0.93
C GLU A 167 12.17 5.05 1.76
N TYR A 168 11.32 4.19 1.20
CA TYR A 168 10.15 3.72 1.92
C TYR A 168 10.05 2.21 1.91
N CYS A 169 9.41 1.67 2.94
CA CYS A 169 9.30 0.22 3.06
C CYS A 169 8.03 -0.23 3.75
N GLY A 170 7.84 -1.55 3.74
CA GLY A 170 6.69 -2.15 4.40
C GLY A 170 7.06 -2.15 5.88
N HIS A 171 6.15 -2.63 6.71
CA HIS A 171 6.41 -2.58 8.14
C HIS A 171 5.49 -3.49 8.92
N GLY A 172 5.95 -3.86 10.12
CA GLY A 172 5.12 -4.67 10.99
C GLY A 172 3.96 -3.73 11.30
N ILE A 173 2.83 -4.28 11.71
CA ILE A 173 1.67 -3.45 11.99
C ILE A 173 0.81 -4.15 13.05
N GLY A 174 0.09 -3.37 13.85
CA GLY A 174 -0.75 -3.94 14.88
C GLY A 174 -1.42 -2.82 15.64
N ARG A 175 -1.13 -2.71 16.94
CA ARG A 175 -1.70 -1.63 17.72
C ARG A 175 -0.95 -0.37 17.32
N GLY A 176 0.18 -0.57 16.65
CA GLY A 176 0.97 0.53 16.15
C GLY A 176 0.85 0.55 14.64
N PHE A 177 0.86 1.75 14.07
CA PHE A 177 0.75 1.91 12.63
C PHE A 177 2.00 1.30 12.00
N HIS A 178 3.15 1.73 12.48
CA HIS A 178 4.43 1.23 11.99
C HIS A 178 5.22 0.59 13.11
N GLU A 179 5.33 -0.74 13.06
CA GLU A 179 6.08 -1.47 14.08
C GLU A 179 7.18 -2.24 13.35
N GLU A 180 8.06 -2.88 14.10
CA GLU A 180 9.11 -3.68 13.49
C GLU A 180 8.40 -4.92 12.95
N PRO A 181 8.98 -5.56 11.92
CA PRO A 181 10.23 -5.19 11.27
C PRO A 181 10.02 -4.30 10.06
N GLN A 182 11.11 -3.80 9.50
CA GLN A 182 11.04 -3.00 8.29
C GLN A 182 11.00 -4.03 7.17
N VAL A 183 10.17 -3.81 6.16
CA VAL A 183 10.08 -4.74 5.06
C VAL A 183 10.56 -4.05 3.80
N LEU A 184 11.84 -4.20 3.51
CA LEU A 184 12.40 -3.56 2.32
C LEU A 184 11.93 -4.26 1.06
N HIS A 185 11.76 -3.50 -0.02
CA HIS A 185 11.31 -4.08 -1.27
C HIS A 185 12.45 -4.25 -2.25
N TYR A 186 13.65 -4.36 -1.71
CA TYR A 186 14.86 -4.56 -2.51
C TYR A 186 15.86 -5.32 -1.64
N ASP A 187 16.90 -5.86 -2.27
CA ASP A 187 17.90 -6.61 -1.53
C ASP A 187 18.82 -5.71 -0.73
N SER A 188 18.94 -6.00 0.55
CA SER A 188 19.79 -5.23 1.45
C SER A 188 20.52 -6.15 2.40
N ARG A 189 21.81 -5.88 2.59
CA ARG A 189 22.64 -6.68 3.48
C ARG A 189 22.29 -6.41 4.93
N GLU A 190 21.43 -5.41 5.16
CA GLU A 190 21.02 -5.07 6.51
C GLU A 190 19.84 -5.94 6.92
N THR A 191 19.09 -6.40 5.94
CA THR A 191 17.92 -7.23 6.22
C THR A 191 18.21 -8.65 6.67
N ASN A 192 17.76 -8.98 7.86
CA ASN A 192 17.94 -10.31 8.42
C ASN A 192 16.79 -10.55 9.36
N VAL A 193 15.66 -10.99 8.81
CA VAL A 193 14.47 -11.26 9.59
C VAL A 193 13.81 -12.51 9.07
N VAL A 194 13.80 -13.56 9.89
CA VAL A 194 13.20 -14.82 9.50
C VAL A 194 11.74 -14.78 9.95
N LEU A 195 10.83 -15.08 9.03
CA LEU A 195 9.41 -15.05 9.34
C LEU A 195 8.98 -16.13 10.33
N LYS A 196 8.01 -15.77 11.16
CA LYS A 196 7.47 -16.66 12.17
C LYS A 196 5.95 -16.51 12.12
N PRO A 197 5.22 -17.61 12.35
CA PRO A 197 3.75 -17.52 12.30
C PRO A 197 3.26 -16.48 13.31
N GLY A 198 2.17 -15.78 12.96
CA GLY A 198 1.63 -14.78 13.87
C GLY A 198 2.16 -13.38 13.64
N MET A 199 3.16 -13.24 12.76
CA MET A 199 3.71 -11.93 12.46
C MET A 199 2.76 -11.24 11.48
N THR A 200 2.51 -9.97 11.71
CA THR A 200 1.64 -9.20 10.83
C THR A 200 2.42 -7.99 10.34
N PHE A 201 2.47 -7.83 9.02
CA PHE A 201 3.19 -6.70 8.44
C PHE A 201 2.63 -6.40 7.07
N THR A 202 3.15 -5.33 6.47
CA THR A 202 2.69 -4.92 5.15
C THR A 202 3.79 -5.12 4.12
N ILE A 203 3.38 -5.19 2.87
CA ILE A 203 4.31 -5.27 1.75
C ILE A 203 3.67 -4.20 0.88
N GLU A 204 4.46 -3.21 0.49
CA GLU A 204 3.92 -2.08 -0.25
C GLU A 204 4.95 -1.43 -1.15
N PRO A 205 5.45 -2.18 -2.14
CA PRO A 205 6.45 -1.67 -3.07
C PRO A 205 6.04 -0.43 -3.83
N MET A 206 6.96 0.53 -3.89
CA MET A 206 6.76 1.76 -4.66
C MET A 206 7.69 1.56 -5.84
N VAL A 207 7.10 1.55 -7.03
CA VAL A 207 7.86 1.31 -8.25
C VAL A 207 7.81 2.49 -9.21
N ASN A 208 8.98 2.90 -9.67
CA ASN A 208 9.07 4.01 -10.61
C ASN A 208 9.31 3.48 -12.01
N ALA A 209 8.66 4.08 -13.00
CA ALA A 209 8.85 3.66 -14.38
C ALA A 209 10.28 4.03 -14.77
N GLY A 210 10.75 5.14 -14.19
CA GLY A 210 12.10 5.60 -14.49
C GLY A 210 13.12 5.29 -13.41
N LYS A 211 13.93 6.28 -13.05
CA LYS A 211 14.97 6.10 -12.04
C LYS A 211 14.41 6.05 -10.63
N LYS A 212 15.16 5.43 -9.72
CA LYS A 212 14.73 5.27 -8.34
C LYS A 212 14.73 6.53 -7.47
N GLU A 213 15.59 7.49 -7.80
CA GLU A 213 15.69 8.73 -7.02
C GLU A 213 14.36 9.47 -6.89
N ILE A 214 14.14 10.06 -5.71
CA ILE A 214 12.92 10.80 -5.47
C ILE A 214 13.20 12.24 -5.04
N ARG A 215 12.14 13.04 -4.97
CA ARG A 215 12.21 14.44 -4.58
C ARG A 215 11.02 14.78 -3.69
N THR A 216 11.27 15.40 -2.55
CA THR A 216 10.18 15.79 -1.68
C THR A 216 9.83 17.22 -2.06
N MET A 217 8.54 17.51 -2.17
CA MET A 217 8.10 18.85 -2.52
C MET A 217 8.29 19.79 -1.35
N LYS A 218 7.73 20.99 -1.43
CA LYS A 218 7.88 21.96 -0.36
C LYS A 218 6.68 22.12 0.56
N ASP A 219 5.81 21.12 0.56
CA ASP A 219 4.65 21.14 1.45
C ASP A 219 4.97 20.16 2.57
N GLY A 220 6.21 19.67 2.55
CA GLY A 220 6.70 18.75 3.56
C GLY A 220 6.13 17.35 3.52
N TRP A 221 5.41 17.02 2.46
CA TRP A 221 4.81 15.69 2.36
C TRP A 221 4.92 15.02 1.01
N THR A 222 4.47 15.74 -0.03
CA THR A 222 4.46 15.18 -1.37
C THR A 222 5.83 14.76 -1.86
N VAL A 223 5.90 13.53 -2.36
CA VAL A 223 7.14 12.97 -2.88
C VAL A 223 6.92 12.63 -4.35
N LYS A 224 7.83 13.08 -5.20
CA LYS A 224 7.73 12.81 -6.63
C LYS A 224 9.01 12.12 -7.06
N THR A 225 8.99 11.54 -8.25
CA THR A 225 10.17 10.90 -8.80
C THR A 225 11.06 12.06 -9.22
N LYS A 226 12.36 11.95 -8.97
CA LYS A 226 13.28 13.01 -9.34
C LYS A 226 13.18 13.31 -10.84
N ASP A 227 13.13 12.27 -11.65
CA ASP A 227 13.04 12.42 -13.10
C ASP A 227 11.62 12.64 -13.59
N ARG A 228 10.67 12.68 -12.66
CA ARG A 228 9.27 12.90 -12.98
C ARG A 228 8.59 11.79 -13.79
N SER A 229 9.10 10.57 -13.66
CA SER A 229 8.51 9.43 -14.35
C SER A 229 7.34 8.95 -13.49
N LEU A 230 6.49 8.10 -14.06
CA LEU A 230 5.34 7.58 -13.31
C LEU A 230 5.82 6.68 -12.18
N SER A 231 5.02 6.61 -11.12
CA SER A 231 5.33 5.76 -9.96
C SER A 231 4.05 5.12 -9.47
N ALA A 232 4.11 3.83 -9.14
CA ALA A 232 2.92 3.14 -8.67
C ALA A 232 3.23 2.36 -7.40
N GLN A 233 2.16 2.07 -6.66
CA GLN A 233 2.28 1.31 -5.42
C GLN A 233 1.00 0.55 -5.11
N TYR A 234 1.16 -0.63 -4.52
CA TYR A 234 0.02 -1.44 -4.08
C TYR A 234 0.46 -1.92 -2.72
N GLU A 235 -0.50 -2.07 -1.81
CA GLU A 235 -0.16 -2.51 -0.47
C GLU A 235 -1.21 -3.41 0.15
N HIS A 236 -0.76 -4.40 0.92
CA HIS A 236 -1.64 -5.30 1.63
C HIS A 236 -1.04 -5.56 3.00
N THR A 237 -1.91 -5.78 3.96
CA THR A 237 -1.50 -6.11 5.32
C THR A 237 -1.71 -7.63 5.40
N ILE A 238 -0.74 -8.35 5.96
CA ILE A 238 -0.90 -9.80 6.04
C ILE A 238 -0.50 -10.34 7.40
N VAL A 239 -0.82 -11.61 7.62
CA VAL A 239 -0.44 -12.30 8.85
C VAL A 239 0.20 -13.59 8.36
N VAL A 240 1.37 -13.92 8.90
CA VAL A 240 2.07 -15.13 8.51
C VAL A 240 1.37 -16.31 9.15
N THR A 241 1.06 -17.33 8.34
CA THR A 241 0.40 -18.53 8.86
C THR A 241 1.43 -19.66 8.92
N ASP A 242 1.02 -20.81 9.43
CA ASP A 242 1.93 -21.96 9.55
C ASP A 242 2.52 -22.45 8.24
N ASN A 243 1.77 -22.34 7.15
CA ASN A 243 2.23 -22.80 5.85
C ASN A 243 2.25 -21.71 4.79
N GLY A 244 2.12 -20.46 5.22
CA GLY A 244 2.11 -19.35 4.27
C GLY A 244 1.62 -18.07 4.90
N CYS A 245 0.54 -17.51 4.36
CA CYS A 245 0.00 -16.27 4.90
C CYS A 245 -1.45 -16.06 4.51
N GLU A 246 -2.06 -15.06 5.14
CA GLU A 246 -3.44 -14.69 4.88
C GLU A 246 -3.47 -13.20 4.63
N ILE A 247 -3.98 -12.79 3.48
CA ILE A 247 -4.07 -11.37 3.16
C ILE A 247 -5.27 -10.83 3.92
N LEU A 248 -5.01 -9.90 4.83
CA LEU A 248 -6.07 -9.31 5.65
C LEU A 248 -6.81 -8.16 5.01
N THR A 249 -6.26 -7.63 3.93
CA THR A 249 -6.88 -6.49 3.24
C THR A 249 -7.28 -6.80 1.80
N LEU A 250 -7.62 -8.06 1.53
CA LEU A 250 -8.00 -8.46 0.19
C LEU A 250 -9.28 -7.78 -0.30
N ARG A 251 -9.30 -7.43 -1.59
CA ARG A 251 -10.47 -6.79 -2.19
C ARG A 251 -11.10 -7.70 -3.25
N LYS A 252 -12.32 -7.36 -3.64
CA LYS A 252 -13.04 -8.13 -4.64
C LYS A 252 -12.27 -8.14 -5.98
N ASP A 253 -11.57 -7.05 -6.26
CA ASP A 253 -10.83 -6.95 -7.51
C ASP A 253 -9.44 -7.57 -7.48
N ASP A 254 -9.01 -8.02 -6.31
CA ASP A 254 -7.70 -8.66 -6.19
C ASP A 254 -7.73 -9.95 -7.00
N THR A 255 -6.66 -10.22 -7.75
CA THR A 255 -6.58 -11.43 -8.56
C THR A 255 -5.62 -12.41 -7.92
N ILE A 256 -5.73 -12.52 -6.59
CA ILE A 256 -4.91 -13.42 -5.79
C ILE A 256 -5.76 -13.83 -4.60
N PRO A 257 -5.66 -15.11 -4.19
CA PRO A 257 -6.41 -15.68 -3.07
C PRO A 257 -6.12 -15.03 -1.73
N ALA A 258 -7.12 -14.99 -0.86
CA ALA A 258 -6.95 -14.41 0.46
C ALA A 258 -5.97 -15.28 1.23
N ILE A 259 -6.24 -16.58 1.22
CA ILE A 259 -5.37 -17.53 1.92
C ILE A 259 -4.41 -18.16 0.91
N ILE A 260 -3.13 -18.01 1.16
CA ILE A 260 -2.11 -18.57 0.28
C ILE A 260 -1.48 -19.76 0.99
N SER A 261 -1.75 -20.95 0.46
CA SER A 261 -1.26 -22.20 1.03
C SER A 261 0.02 -22.73 0.39
N HIS A 262 0.84 -23.39 1.20
CA HIS A 262 2.09 -23.98 0.75
C HIS A 262 2.25 -25.38 1.33
#